data_5JGD
#
_entry.id   5JGD
#
_cell.length_a   58.167
_cell.length_b   133.673
_cell.length_c   141.111
_cell.angle_alpha   90.000
_cell.angle_beta   90.000
_cell.angle_gamma   90.000
#
_symmetry.space_group_name_H-M   'I 2 2 2'
#
loop_
_entity.id
_entity.type
_entity.pdbx_description
1 polymer 'TAK1 kinase - TAB1 chimera fusion protein'
2 non-polymer N-(2-isopropoxy-3-(4-methylpiperazine-1-carbonyl)phenyl)-4-oxo-3,4-dihydrothieno[3,2-d]pyrimidine-7-carboxamide
3 water water
#
_entity_poly.entity_id   1
_entity_poly.type   'polypeptide(L)'
_entity_poly.pdbx_seq_one_letter_code
;GPLHMIDYKEIEVEEVVGRGAFGVVCKAKWRAKDVAIKQIESESERKAFIVELRQLSRVNHPNIVKLYGACLNPVCLVME
YAEGGSLYNVLHGAEPLPYYTAAHAMSWCLQCSQGVAYLHSMQPKALIHRDLKPPNLLLVAGGTVLKICDFGTACDIQTH
MTNNKGSAAWMAPEVFEGSNYSEKCDVFSWGIILWEVITRRKPFDEIGGPAFRIMWAVHNGTRPPLIKNLPKPIESLMTR
CWSKDPSQRPSMEEIVKIMTHLMRYFPGADEPLQYPCQHSLPPGEDGRVEPYVDFAEFYRLWSVDHGEQSVVTAP
;
_entity_poly.pdbx_strand_id   A
#
loop_
_chem_comp.id
_chem_comp.type
_chem_comp.name
_chem_comp.formula
6KD non-polymer N-(2-isopropoxy-3-(4-methylpiperazine-1-carbonyl)phenyl)-4-oxo-3,4-dihydrothieno[3,2-d]pyrimidine-7-carboxamide 'C22 H25 N5 O4 S'
#
# COMPACT_ATOMS: atom_id res chain seq x y z
N GLY A 1 23.00 4.08 1.30
CA GLY A 1 22.88 4.60 -0.09
C GLY A 1 23.15 6.09 -0.22
N PRO A 2 23.37 6.58 -1.47
CA PRO A 2 23.65 8.01 -1.73
C PRO A 2 22.50 8.97 -1.45
N LEU A 3 22.84 10.18 -1.04
CA LEU A 3 21.88 11.23 -0.65
C LEU A 3 22.40 12.61 -1.09
N HIS A 4 21.48 13.53 -1.38
CA HIS A 4 21.85 14.89 -1.78
C HIS A 4 21.42 15.93 -0.75
N MET A 5 22.35 16.80 -0.37
CA MET A 5 22.03 17.95 0.47
C MET A 5 21.45 19.04 -0.41
N ILE A 6 20.30 19.56 0.00
CA ILE A 6 19.52 20.45 -0.84
C ILE A 6 19.56 21.89 -0.32
N ASP A 7 19.76 22.83 -1.24
CA ASP A 7 19.60 24.25 -1.02
C ASP A 7 18.17 24.61 -1.42
N TYR A 8 17.40 25.18 -0.49
CA TYR A 8 15.97 25.49 -0.72
C TYR A 8 15.72 26.52 -1.85
N LYS A 9 16.74 27.32 -2.15
CA LYS A 9 16.75 28.23 -3.30
C LYS A 9 16.73 27.48 -4.65
N GLU A 10 17.13 26.21 -4.63
CA GLU A 10 17.10 25.36 -5.82
C GLU A 10 15.73 24.69 -6.03
N ILE A 11 14.87 24.76 -5.02
CA ILE A 11 13.49 24.24 -5.06
C ILE A 11 12.52 25.36 -5.42
N GLU A 12 11.67 25.10 -6.41
CA GLU A 12 10.53 25.96 -6.73
C GLU A 12 9.20 25.21 -6.47
N VAL A 13 8.60 25.48 -5.31
CA VAL A 13 7.34 24.87 -4.87
C VAL A 13 6.18 25.36 -5.73
N GLU A 14 5.50 24.43 -6.41
CA GLU A 14 4.40 24.76 -7.31
C GLU A 14 3.04 24.83 -6.61
N GLU A 15 2.60 23.71 -6.01
CA GLU A 15 1.32 23.63 -5.29
C GLU A 15 1.35 22.57 -4.21
N VAL A 16 0.54 22.77 -3.17
CA VAL A 16 0.32 21.78 -2.11
C VAL A 16 -0.64 20.71 -2.63
N VAL A 17 -0.23 19.44 -2.53
CA VAL A 17 -1.07 18.33 -3.00
C VAL A 17 -1.91 17.67 -1.90
N GLY A 18 -1.38 17.67 -0.68
CA GLY A 18 -2.07 17.08 0.48
C GLY A 18 -1.09 16.67 1.57
N ARG A 19 -1.60 15.95 2.57
CA ARG A 19 -0.80 15.50 3.71
C ARG A 19 -0.42 14.03 3.58
N GLY A 20 0.80 13.70 4.00
CA GLY A 20 1.24 12.31 4.13
C GLY A 20 0.81 11.72 5.46
N ALA A 21 1.53 10.69 5.91
CA ALA A 21 1.32 10.11 7.24
C ALA A 21 1.74 11.12 8.31
N PHE A 22 2.74 11.92 7.97
CA PHE A 22 3.08 13.14 8.69
C PHE A 22 3.39 14.21 7.66
N GLY A 23 3.28 15.46 8.07
CA GLY A 23 3.69 16.60 7.25
C GLY A 23 2.82 16.89 6.05
N VAL A 24 3.36 17.72 5.14
CA VAL A 24 2.65 18.21 3.97
C VAL A 24 3.49 17.91 2.73
N VAL A 25 2.86 17.25 1.75
CA VAL A 25 3.50 16.99 0.47
C VAL A 25 3.12 18.12 -0.50
N CYS A 26 4.12 18.64 -1.20
CA CYS A 26 3.94 19.73 -2.15
C CYS A 26 4.62 19.36 -3.46
N LYS A 27 3.94 19.63 -4.58
CA LYS A 27 4.56 19.47 -5.90
C LYS A 27 5.56 20.61 -6.10
N ALA A 28 6.74 20.26 -6.61
CA ALA A 28 7.84 21.21 -6.77
C ALA A 28 8.72 20.88 -7.97
N LYS A 29 9.63 21.79 -8.28
CA LYS A 29 10.70 21.54 -9.25
C LYS A 29 12.08 21.77 -8.61
N TRP A 30 13.00 20.86 -8.89
CA TRP A 30 14.38 20.92 -8.40
C TRP A 30 15.28 20.29 -9.46
N ARG A 31 16.40 20.96 -9.75
CA ARG A 31 17.33 20.57 -10.84
C ARG A 31 16.59 20.39 -12.18
N ALA A 32 15.56 21.21 -12.38
CA ALA A 32 14.57 21.07 -13.47
C ALA A 32 14.00 19.65 -13.61
N LYS A 33 13.64 19.05 -12.47
CA LYS A 33 12.98 17.74 -12.42
C LYS A 33 11.73 17.80 -11.56
N ASP A 34 10.73 16.99 -11.91
CA ASP A 34 9.47 16.93 -11.18
C ASP A 34 9.60 16.16 -9.87
N VAL A 35 9.64 16.90 -8.76
CA VAL A 35 9.79 16.33 -7.42
C VAL A 35 8.58 16.61 -6.53
N ALA A 36 8.45 15.83 -5.47
CA ALA A 36 7.51 16.10 -4.39
C ALA A 36 8.31 16.33 -3.11
N ILE A 37 8.05 17.45 -2.45
CA ILE A 37 8.74 17.79 -1.21
C ILE A 37 7.84 17.60 0.00
N LYS A 38 8.35 16.96 1.03
CA LYS A 38 7.59 16.71 2.25
C LYS A 38 8.09 17.55 3.40
N GLN A 39 7.34 18.58 3.76
CA GLN A 39 7.69 19.49 4.83
C GLN A 39 7.00 19.10 6.13
N ILE A 40 7.79 19.06 7.20
CA ILE A 40 7.30 18.99 8.57
C ILE A 40 6.44 20.23 8.87
N GLU A 41 5.36 20.05 9.61
CA GLU A 41 4.46 21.16 9.97
C GLU A 41 4.21 21.33 11.46
N SER A 42 4.26 20.23 12.20
CA SER A 42 3.94 20.23 13.64
C SER A 42 5.13 20.41 14.57
N GLU A 43 6.35 20.26 14.02
CA GLU A 43 7.62 20.19 14.80
C GLU A 43 7.68 18.99 15.77
N SER A 44 6.52 18.44 16.09
CA SER A 44 6.37 17.20 16.85
C SER A 44 6.54 15.97 15.95
N GLU A 45 6.63 16.21 14.64
CA GLU A 45 6.88 15.18 13.63
C GLU A 45 8.38 14.94 13.40
N ARG A 46 9.22 15.50 14.28
CA ARG A 46 10.68 15.40 14.18
C ARG A 46 11.20 13.96 14.23
N LYS A 47 10.67 13.16 15.17
CA LYS A 47 11.01 11.74 15.29
C LYS A 47 10.68 10.99 14.00
N ALA A 48 9.47 11.24 13.48
CA ALA A 48 8.98 10.65 12.22
C ALA A 48 9.87 11.02 11.03
N PHE A 49 10.26 12.29 10.95
CA PHE A 49 11.15 12.81 9.92
C PHE A 49 12.52 12.12 9.92
N ILE A 50 13.12 12.01 11.11
CA ILE A 50 14.43 11.33 11.29
C ILE A 50 14.33 9.86 10.88
N VAL A 51 13.25 9.18 11.31
CA VAL A 51 13.01 7.78 10.98
C VAL A 51 12.91 7.57 9.45
N GLU A 52 12.01 8.31 8.80
CA GLU A 52 11.86 8.21 7.34
C GLU A 52 13.18 8.50 6.60
N LEU A 53 13.88 9.56 6.99
CA LEU A 53 15.18 9.92 6.40
C LEU A 53 16.25 8.84 6.61
N ARG A 54 16.24 8.24 7.80
CA ARG A 54 17.14 7.15 8.17
C ARG A 54 16.90 5.92 7.29
N GLN A 55 15.63 5.53 7.14
CA GLN A 55 15.27 4.30 6.42
C GLN A 55 15.38 4.47 4.91
N LEU A 56 14.67 5.45 4.33
CA LEU A 56 14.66 5.71 2.88
C LEU A 56 16.02 5.78 2.21
N SER A 57 17.01 6.28 2.95
CA SER A 57 18.39 6.40 2.48
C SER A 57 19.09 5.05 2.29
N ARG A 58 18.92 4.14 3.26
CA ARG A 58 19.53 2.80 3.15
C ARG A 58 18.74 1.86 2.23
N VAL A 59 17.47 2.17 2.02
CA VAL A 59 16.58 1.38 1.16
C VAL A 59 16.81 1.74 -0.32
N ASN A 60 16.92 0.72 -1.16
CA ASN A 60 17.07 0.90 -2.60
C ASN A 60 16.40 -0.21 -3.42
N HIS A 61 15.19 0.08 -3.94
CA HIS A 61 14.34 -0.91 -4.62
C HIS A 61 13.32 -0.26 -5.56
N PRO A 62 13.03 -0.89 -6.73
CA PRO A 62 12.03 -0.39 -7.71
C PRO A 62 10.63 -0.07 -7.18
N ASN A 63 10.22 -0.70 -6.09
CA ASN A 63 8.88 -0.55 -5.53
C ASN A 63 8.83 0.21 -4.19
N ILE A 64 9.88 0.98 -3.94
CA ILE A 64 9.95 1.91 -2.81
C ILE A 64 10.36 3.27 -3.37
N VAL A 65 9.68 4.33 -2.90
CA VAL A 65 9.91 5.71 -3.37
C VAL A 65 11.39 6.09 -3.40
N LYS A 66 11.79 6.76 -4.47
CA LYS A 66 13.13 7.36 -4.56
C LYS A 66 13.21 8.57 -3.64
N LEU A 67 14.20 8.57 -2.74
CA LEU A 67 14.56 9.75 -1.96
C LEU A 67 15.71 10.43 -2.68
N TYR A 68 15.45 11.64 -3.19
CA TYR A 68 16.48 12.40 -3.89
C TYR A 68 17.43 13.11 -2.91
N GLY A 69 16.85 13.68 -1.85
CA GLY A 69 17.65 14.31 -0.81
C GLY A 69 16.85 14.99 0.27
N ALA A 70 17.54 15.78 1.08
CA ALA A 70 16.91 16.52 2.18
C ALA A 70 17.47 17.92 2.31
N CYS A 71 16.59 18.85 2.68
CA CYS A 71 16.96 20.21 3.01
C CYS A 71 16.66 20.42 4.50
N LEU A 72 17.63 21.00 5.22
CA LEU A 72 17.50 21.20 6.67
C LEU A 72 16.96 22.59 7.07
N ASN A 73 17.00 23.54 6.13
CA ASN A 73 16.38 24.86 6.35
C ASN A 73 15.62 25.37 5.10
N PRO A 74 14.29 25.25 5.09
CA PRO A 74 13.50 24.59 6.16
C PRO A 74 13.57 23.07 6.07
N VAL A 75 13.27 22.40 7.17
CA VAL A 75 13.41 20.94 7.32
C VAL A 75 12.40 20.20 6.42
N CYS A 76 12.91 19.61 5.33
CA CYS A 76 12.08 18.87 4.37
C CYS A 76 12.82 17.80 3.56
N LEU A 77 12.09 16.76 3.17
CA LEU A 77 12.58 15.70 2.29
C LEU A 77 12.20 15.98 0.84
N VAL A 78 13.11 15.62 -0.07
CA VAL A 78 12.88 15.76 -1.51
C VAL A 78 12.80 14.36 -2.14
N MET A 79 11.59 13.98 -2.53
CA MET A 79 11.32 12.65 -3.09
C MET A 79 10.78 12.76 -4.51
N GLU A 80 10.47 11.62 -5.13
CA GLU A 80 9.83 11.61 -6.44
C GLU A 80 8.35 11.92 -6.33
N TYR A 81 7.81 12.52 -7.38
CA TYR A 81 6.40 12.87 -7.45
C TYR A 81 5.62 11.72 -8.09
N ALA A 82 4.56 11.29 -7.40
CA ALA A 82 3.67 10.27 -7.91
C ALA A 82 2.49 10.91 -8.65
N GLU A 83 2.48 10.71 -9.97
CA GLU A 83 1.47 11.26 -10.88
C GLU A 83 0.08 10.74 -10.56
N GLY A 84 -0.03 9.43 -10.40
CA GLY A 84 -1.31 8.76 -10.14
C GLY A 84 -1.94 9.03 -8.79
N GLY A 85 -1.15 9.59 -7.86
CA GLY A 85 -1.58 9.78 -6.49
C GLY A 85 -1.43 8.49 -5.69
N SER A 86 -2.10 8.43 -4.56
CA SER A 86 -2.08 7.23 -3.72
C SER A 86 -2.99 6.15 -4.29
N LEU A 87 -2.73 4.90 -3.90
CA LEU A 87 -3.59 3.77 -4.25
C LEU A 87 -4.98 3.93 -3.66
N TYR A 88 -5.05 4.45 -2.43
CA TYR A 88 -6.31 4.73 -1.75
C TYR A 88 -7.15 5.69 -2.57
N ASN A 89 -6.53 6.74 -3.09
CA ASN A 89 -7.20 7.73 -3.93
C ASN A 89 -7.68 7.17 -5.25
N VAL A 90 -6.94 6.20 -5.80
CA VAL A 90 -7.31 5.54 -7.05
C VAL A 90 -8.52 4.61 -6.85
N LEU A 91 -8.54 3.90 -5.72
CA LEU A 91 -9.63 3.01 -5.39
C LEU A 91 -10.90 3.76 -4.99
N HIS A 92 -10.75 4.65 -4.00
CA HIS A 92 -11.89 5.23 -3.27
C HIS A 92 -12.02 6.74 -3.40
N GLY A 93 -11.02 7.38 -3.99
CA GLY A 93 -10.93 8.85 -3.99
C GLY A 93 -11.90 9.56 -4.91
N ALA A 94 -11.40 10.66 -5.48
CA ALA A 94 -12.22 11.60 -6.26
C ALA A 94 -12.82 10.98 -7.52
N GLU A 95 -14.11 11.27 -7.73
CA GLU A 95 -14.81 10.92 -8.97
C GLU A 95 -14.42 11.93 -10.07
N PRO A 96 -14.20 11.48 -11.32
CA PRO A 96 -14.41 10.10 -11.77
C PRO A 96 -13.26 9.16 -11.41
N LEU A 97 -13.62 7.97 -10.94
CA LEU A 97 -12.65 6.95 -10.58
C LEU A 97 -12.16 6.23 -11.83
N PRO A 98 -10.89 5.79 -11.86
CA PRO A 98 -10.46 5.00 -13.02
C PRO A 98 -10.94 3.55 -12.93
N TYR A 99 -11.24 2.97 -14.09
CA TYR A 99 -11.47 1.54 -14.20
C TYR A 99 -10.13 0.81 -14.09
N TYR A 100 -10.12 -0.31 -13.37
CA TYR A 100 -8.98 -1.22 -13.36
C TYR A 100 -9.46 -2.68 -13.41
N THR A 101 -8.53 -3.55 -13.78
CA THR A 101 -8.80 -4.96 -14.02
C THR A 101 -8.22 -5.82 -12.90
N ALA A 102 -8.62 -7.09 -12.85
CA ALA A 102 -8.03 -8.08 -11.93
C ALA A 102 -6.51 -8.13 -12.07
N ALA A 103 -6.01 -7.98 -13.30
CA ALA A 103 -4.57 -7.97 -13.58
C ALA A 103 -3.87 -6.85 -12.83
N HIS A 104 -4.47 -5.65 -12.83
CA HIS A 104 -3.95 -4.51 -12.08
C HIS A 104 -3.92 -4.79 -10.59
N ALA A 105 -5.05 -5.23 -10.04
CA ALA A 105 -5.16 -5.57 -8.62
C ALA A 105 -4.08 -6.56 -8.19
N MET A 106 -3.92 -7.63 -8.96
CA MET A 106 -2.91 -8.63 -8.68
C MET A 106 -1.51 -8.05 -8.85
N SER A 107 -1.30 -7.25 -9.90
CA SER A 107 0.00 -6.63 -10.18
C SER A 107 0.44 -5.67 -9.08
N TRP A 108 -0.50 -4.83 -8.63
CA TRP A 108 -0.26 -3.90 -7.53
C TRP A 108 0.18 -4.64 -6.26
N CYS A 109 -0.60 -5.65 -5.87
CA CYS A 109 -0.29 -6.46 -4.70
C CYS A 109 1.02 -7.22 -4.78
N LEU A 110 1.39 -7.65 -5.99
CA LEU A 110 2.68 -8.29 -6.18
C LEU A 110 3.82 -7.29 -5.95
N GLN A 111 3.68 -6.11 -6.56
CA GLN A 111 4.67 -5.05 -6.46
C GLN A 111 4.86 -4.56 -5.02
N CYS A 112 3.74 -4.45 -4.31
CA CYS A 112 3.75 -4.07 -2.91
C CYS A 112 4.51 -5.09 -2.08
N SER A 113 4.17 -6.37 -2.25
CA SER A 113 4.85 -7.46 -1.53
C SER A 113 6.34 -7.56 -1.89
N GLN A 114 6.68 -7.26 -3.14
CA GLN A 114 8.07 -7.19 -3.60
C GLN A 114 8.89 -6.18 -2.80
N GLY A 115 8.33 -4.98 -2.62
CA GLY A 115 8.93 -3.95 -1.79
C GLY A 115 9.08 -4.39 -0.34
N VAL A 116 8.00 -4.95 0.22
CA VAL A 116 8.00 -5.39 1.62
C VAL A 116 8.99 -6.53 1.85
N ALA A 117 9.03 -7.48 0.92
CA ALA A 117 9.99 -8.60 0.97
C ALA A 117 11.43 -8.12 1.03
N TYR A 118 11.73 -7.09 0.22
CA TYR A 118 13.03 -6.41 0.25
C TYR A 118 13.33 -5.84 1.63
N LEU A 119 12.33 -5.18 2.23
CA LEU A 119 12.48 -4.59 3.55
C LEU A 119 12.73 -5.63 4.63
N HIS A 120 12.06 -6.77 4.52
CA HIS A 120 12.18 -7.86 5.48
C HIS A 120 13.49 -8.65 5.38
N SER A 121 14.23 -8.44 4.28
CA SER A 121 15.52 -9.10 4.06
C SER A 121 16.73 -8.20 4.35
N MET A 122 16.47 -7.05 4.96
CA MET A 122 17.52 -6.09 5.34
C MET A 122 18.47 -6.66 6.40
N GLN A 123 19.72 -6.22 6.37
CA GLN A 123 20.79 -6.68 7.28
C GLN A 123 21.29 -5.55 8.21
N PRO A 124 21.59 -5.83 9.49
CA PRO A 124 21.50 -7.17 10.09
C PRO A 124 20.14 -7.50 10.71
N LYS A 125 19.34 -6.46 10.98
CA LYS A 125 17.97 -6.60 11.44
C LYS A 125 17.00 -6.29 10.29
N ALA A 126 15.87 -7.00 10.30
CA ALA A 126 14.79 -6.79 9.34
C ALA A 126 14.19 -5.40 9.50
N LEU A 127 13.70 -4.84 8.40
CA LEU A 127 13.03 -3.54 8.42
C LEU A 127 11.53 -3.71 8.25
N ILE A 128 10.79 -3.44 9.33
CA ILE A 128 9.32 -3.55 9.30
C ILE A 128 8.71 -2.18 8.98
N HIS A 129 7.75 -2.15 8.06
CA HIS A 129 7.10 -0.90 7.65
C HIS A 129 6.13 -0.35 8.69
N ARG A 130 5.41 -1.27 9.36
CA ARG A 130 4.56 -0.97 10.51
C ARG A 130 3.29 -0.16 10.21
N ASP A 131 3.11 0.25 8.95
CA ASP A 131 2.00 1.12 8.55
C ASP A 131 1.57 0.87 7.09
N LEU A 132 1.52 -0.39 6.67
CA LEU A 132 1.13 -0.70 5.29
C LEU A 132 -0.37 -0.56 5.09
N LYS A 133 -0.74 0.33 4.17
CA LYS A 133 -2.13 0.65 3.83
C LYS A 133 -2.18 1.45 2.52
N PRO A 134 -3.32 1.40 1.78
CA PRO A 134 -3.39 2.10 0.50
C PRO A 134 -3.03 3.60 0.46
N PRO A 135 -3.25 4.38 1.56
CA PRO A 135 -2.77 5.79 1.49
C PRO A 135 -1.25 5.95 1.46
N ASN A 136 -0.52 4.92 1.88
CA ASN A 136 0.94 4.92 1.87
C ASN A 136 1.54 4.14 0.69
N LEU A 137 0.71 3.87 -0.30
CA LEU A 137 1.14 3.23 -1.54
C LEU A 137 0.84 4.17 -2.69
N LEU A 138 1.87 4.48 -3.48
CA LEU A 138 1.78 5.45 -4.57
C LEU A 138 1.80 4.77 -5.93
N LEU A 139 1.15 5.40 -6.91
CA LEU A 139 1.13 4.88 -8.29
C LEU A 139 1.81 5.82 -9.27
N VAL A 140 2.74 5.27 -10.03
CA VAL A 140 3.46 5.98 -11.10
C VAL A 140 3.33 5.22 -12.42
N ALA A 141 3.87 5.81 -13.51
CA ALA A 141 3.83 5.23 -14.86
C ALA A 141 2.42 4.84 -15.34
N GLY A 142 1.50 5.79 -15.23
CA GLY A 142 0.09 5.58 -15.64
C GLY A 142 -0.65 4.58 -14.78
N GLY A 143 -0.30 4.53 -13.49
CA GLY A 143 -0.92 3.61 -12.54
C GLY A 143 -0.57 2.13 -12.70
N THR A 144 0.57 1.85 -13.32
CA THR A 144 1.02 0.46 -13.51
C THR A 144 2.17 0.08 -12.59
N VAL A 145 2.78 1.07 -11.94
CA VAL A 145 3.91 0.83 -11.04
C VAL A 145 3.60 1.37 -9.64
N LEU A 146 3.74 0.49 -8.65
CA LEU A 146 3.44 0.84 -7.28
C LEU A 146 4.71 1.04 -6.45
N LYS A 147 4.70 2.07 -5.60
CA LYS A 147 5.80 2.40 -4.70
C LYS A 147 5.30 2.53 -3.26
N ILE A 148 6.08 2.03 -2.32
CA ILE A 148 5.78 2.18 -0.90
C ILE A 148 6.42 3.47 -0.37
N CYS A 149 5.61 4.30 0.28
CA CYS A 149 6.09 5.53 0.95
C CYS A 149 5.71 5.54 2.44
N ASP A 150 5.92 6.69 3.09
CA ASP A 150 5.52 6.93 4.50
C ASP A 150 6.12 5.92 5.51
N PHE A 151 7.44 6.02 5.66
CA PHE A 151 8.22 5.16 6.55
C PHE A 151 8.36 5.74 7.96
N GLY A 152 7.47 6.67 8.32
CA GLY A 152 7.50 7.37 9.61
C GLY A 152 7.37 6.53 10.87
N THR A 153 6.94 5.28 10.72
CA THR A 153 6.86 4.35 11.84
C THR A 153 8.01 3.34 11.84
N ALA A 154 8.41 2.90 10.64
CA ALA A 154 9.44 1.87 10.39
C ALA A 154 10.54 1.68 11.46
N GLY A 166 -5.93 6.10 12.54
CA GLY A 166 -6.60 5.90 11.25
C GLY A 166 -6.05 4.75 10.44
N SER A 167 -5.34 3.84 11.11
CA SER A 167 -4.77 2.63 10.50
C SER A 167 -5.32 1.34 11.13
N ALA A 168 -6.47 1.45 11.80
CA ALA A 168 -7.05 0.35 12.55
C ALA A 168 -7.49 -0.82 11.67
N ALA A 169 -8.01 -0.50 10.48
CA ALA A 169 -8.51 -1.49 9.53
C ALA A 169 -7.44 -2.40 8.95
N TRP A 170 -6.21 -1.89 8.87
CA TRP A 170 -5.07 -2.62 8.30
C TRP A 170 -4.12 -3.21 9.34
N MET A 171 -4.34 -2.90 10.62
CA MET A 171 -3.43 -3.30 11.69
C MET A 171 -3.70 -4.70 12.23
N ALA A 172 -2.61 -5.44 12.45
CA ALA A 172 -2.64 -6.78 13.05
C ALA A 172 -3.07 -6.71 14.51
N PRO A 173 -3.80 -7.73 15.01
CA PRO A 173 -4.26 -7.74 16.41
C PRO A 173 -3.14 -7.60 17.46
N GLU A 174 -2.00 -8.25 17.23
CA GLU A 174 -0.87 -8.18 18.16
C GLU A 174 -0.22 -6.80 18.25
N VAL A 175 -0.41 -5.98 17.21
CA VAL A 175 0.15 -4.63 17.16
C VAL A 175 -0.55 -3.69 18.14
N PHE A 176 -1.88 -3.56 18.00
CA PHE A 176 -2.63 -2.70 18.92
C PHE A 176 -2.82 -3.28 20.34
N GLU A 177 -2.39 -4.53 20.52
CA GLU A 177 -2.27 -5.15 21.84
C GLU A 177 -0.93 -4.84 22.52
N GLY A 178 -0.06 -4.11 21.83
CA GLY A 178 1.30 -3.79 22.30
C GLY A 178 2.22 -4.99 22.42
N SER A 179 1.74 -6.15 21.95
CA SER A 179 2.40 -7.45 22.10
C SER A 179 3.68 -7.60 21.28
N ASN A 180 4.36 -8.73 21.48
CA ASN A 180 5.57 -9.09 20.74
C ASN A 180 5.27 -9.31 19.25
N TYR A 181 5.32 -8.21 18.49
CA TYR A 181 5.05 -8.25 17.06
C TYR A 181 6.34 -8.26 16.24
N SER A 182 6.29 -9.00 15.13
CA SER A 182 7.43 -9.12 14.22
C SER A 182 7.06 -8.52 12.86
N GLU A 183 7.80 -8.91 11.83
CA GLU A 183 7.51 -8.53 10.46
C GLU A 183 6.22 -9.16 9.90
N LYS A 184 5.67 -10.11 10.65
CA LYS A 184 4.41 -10.77 10.27
C LYS A 184 3.16 -9.90 10.41
N CYS A 185 3.33 -8.71 10.97
CA CYS A 185 2.25 -7.73 11.04
C CYS A 185 2.04 -7.06 9.68
N ASP A 186 3.14 -6.85 8.95
CA ASP A 186 3.13 -6.35 7.57
C ASP A 186 2.35 -7.29 6.64
N VAL A 187 2.50 -8.59 6.90
CA VAL A 187 1.79 -9.66 6.20
C VAL A 187 0.28 -9.54 6.38
N PHE A 188 -0.17 -9.24 7.60
CA PHE A 188 -1.58 -9.01 7.89
C PHE A 188 -2.14 -7.83 7.08
N SER A 189 -1.38 -6.73 7.08
CA SER A 189 -1.72 -5.53 6.33
C SER A 189 -1.91 -5.82 4.85
N TRP A 190 -0.95 -6.54 4.29
CA TRP A 190 -0.99 -6.95 2.89
C TRP A 190 -2.24 -7.79 2.59
N GLY A 191 -2.60 -8.70 3.51
CA GLY A 191 -3.81 -9.51 3.42
C GLY A 191 -5.06 -8.67 3.21
N ILE A 192 -5.18 -7.62 4.02
CA ILE A 192 -6.31 -6.66 3.96
C ILE A 192 -6.28 -5.85 2.65
N ILE A 193 -5.10 -5.38 2.25
CA ILE A 193 -4.92 -4.62 1.00
C ILE A 193 -5.39 -5.46 -0.20
N LEU A 194 -5.04 -6.74 -0.20
CA LEU A 194 -5.48 -7.69 -1.23
C LEU A 194 -7.00 -7.75 -1.33
N TRP A 195 -7.66 -7.90 -0.18
CA TRP A 195 -9.11 -7.91 -0.12
C TRP A 195 -9.67 -6.61 -0.70
N GLU A 196 -9.04 -5.50 -0.32
CA GLU A 196 -9.49 -4.16 -0.68
C GLU A 196 -9.47 -3.89 -2.19
N VAL A 197 -8.38 -4.21 -2.87
CA VAL A 197 -8.27 -3.97 -4.32
C VAL A 197 -9.17 -4.88 -5.16
N ILE A 198 -9.43 -6.10 -4.66
CA ILE A 198 -10.34 -7.05 -5.31
C ILE A 198 -11.81 -6.57 -5.24
N THR A 199 -12.17 -5.96 -4.12
CA THR A 199 -13.55 -5.58 -3.81
C THR A 199 -13.88 -4.10 -4.04
N ARG A 200 -12.83 -3.26 -4.08
CA ARG A 200 -12.93 -1.79 -4.15
C ARG A 200 -13.82 -1.23 -3.02
N ARG A 201 -13.64 -1.82 -1.83
CA ARG A 201 -14.37 -1.46 -0.63
C ARG A 201 -13.39 -1.07 0.46
N LYS A 202 -13.79 -0.11 1.29
CA LYS A 202 -13.02 0.25 2.47
C LYS A 202 -13.20 -0.86 3.53
N PRO A 203 -12.08 -1.41 4.05
CA PRO A 203 -12.19 -2.45 5.08
C PRO A 203 -12.85 -1.90 6.34
N PHE A 204 -13.76 -2.68 6.89
CA PHE A 204 -14.59 -2.33 8.06
C PHE A 204 -15.22 -0.93 7.95
N ASP A 205 -15.81 -0.67 6.78
CA ASP A 205 -16.58 0.54 6.57
C ASP A 205 -17.94 0.35 7.25
N GLU A 206 -18.41 -0.90 7.21
CA GLU A 206 -19.63 -1.38 7.87
C GLU A 206 -19.62 -1.05 9.37
N ILE A 207 -18.48 -1.32 10.02
CA ILE A 207 -18.28 -1.08 11.44
C ILE A 207 -18.16 0.42 11.73
N GLY A 208 -17.17 1.06 11.11
CA GLY A 208 -16.91 2.49 11.28
C GLY A 208 -16.67 2.88 12.74
N GLY A 209 -17.44 3.85 13.21
CA GLY A 209 -17.27 4.45 14.54
C GLY A 209 -15.92 5.14 14.69
N PRO A 210 -15.43 5.27 15.94
CA PRO A 210 -14.01 5.60 16.10
C PRO A 210 -13.12 4.35 16.06
N ALA A 211 -11.80 4.56 16.12
CA ALA A 211 -10.79 3.51 15.97
C ALA A 211 -11.03 2.22 16.77
N PHE A 212 -11.30 2.38 18.06
CA PHE A 212 -11.43 1.26 19.02
C PHE A 212 -12.52 0.23 18.69
N ARG A 213 -13.52 0.66 17.93
CA ARG A 213 -14.64 -0.20 17.52
C ARG A 213 -14.20 -1.27 16.52
N ILE A 214 -13.29 -0.87 15.63
CA ILE A 214 -12.63 -1.76 14.67
C ILE A 214 -11.67 -2.67 15.45
N MET A 215 -10.77 -2.06 16.22
CA MET A 215 -9.78 -2.79 17.02
C MET A 215 -10.40 -3.93 17.81
N TRP A 216 -11.52 -3.65 18.47
CA TRP A 216 -12.28 -4.65 19.20
C TRP A 216 -12.75 -5.75 18.26
N ALA A 217 -13.33 -5.36 17.13
CA ALA A 217 -13.88 -6.31 16.15
C ALA A 217 -12.80 -7.27 15.64
N VAL A 218 -11.71 -6.70 15.12
CA VAL A 218 -10.53 -7.44 14.61
C VAL A 218 -9.97 -8.37 15.68
N HIS A 219 -9.88 -7.86 16.91
CA HIS A 219 -9.37 -8.58 18.08
C HIS A 219 -10.19 -9.83 18.41
N ASN A 220 -11.50 -9.75 18.20
CA ASN A 220 -12.40 -10.90 18.37
C ASN A 220 -12.35 -11.91 17.23
N GLY A 221 -11.69 -11.54 16.14
CA GLY A 221 -11.53 -12.42 14.99
C GLY A 221 -12.39 -12.04 13.80
N THR A 222 -12.91 -10.81 13.79
CA THR A 222 -13.63 -10.26 12.64
C THR A 222 -12.62 -9.94 11.55
N ARG A 223 -12.90 -10.48 10.37
CA ARG A 223 -12.15 -10.17 9.15
C ARG A 223 -13.16 -9.68 8.13
N PRO A 224 -12.71 -8.96 7.07
CA PRO A 224 -13.69 -8.48 6.10
C PRO A 224 -14.37 -9.65 5.37
N PRO A 225 -15.62 -9.46 4.88
CA PRO A 225 -16.39 -10.58 4.32
C PRO A 225 -15.69 -11.30 3.17
N LEU A 226 -15.95 -12.60 3.02
CA LEU A 226 -15.39 -13.39 1.93
C LEU A 226 -15.99 -12.97 0.57
N ILE A 227 -15.24 -13.23 -0.49
CA ILE A 227 -15.58 -12.72 -1.82
C ILE A 227 -16.19 -13.84 -2.64
N LYS A 228 -17.42 -13.62 -3.11
CA LYS A 228 -18.11 -14.58 -3.97
C LYS A 228 -17.35 -14.74 -5.27
N ASN A 229 -17.19 -15.99 -5.71
CA ASN A 229 -16.53 -16.36 -6.98
C ASN A 229 -14.99 -16.17 -6.99
N LEU A 230 -14.40 -15.99 -5.81
CA LEU A 230 -12.95 -15.83 -5.71
C LEU A 230 -12.22 -17.19 -5.85
N PRO A 231 -11.17 -17.24 -6.71
CA PRO A 231 -10.28 -18.40 -6.84
C PRO A 231 -9.72 -18.87 -5.49
N LYS A 232 -9.84 -20.17 -5.23
CA LYS A 232 -9.38 -20.78 -3.97
C LYS A 232 -7.89 -20.57 -3.63
N PRO A 233 -6.97 -20.60 -4.62
CA PRO A 233 -5.57 -20.24 -4.29
C PRO A 233 -5.38 -18.78 -3.80
N ILE A 234 -6.11 -17.82 -4.37
CA ILE A 234 -6.08 -16.43 -3.89
C ILE A 234 -6.78 -16.33 -2.53
N GLU A 235 -7.90 -17.03 -2.38
CA GLU A 235 -8.65 -17.08 -1.12
C GLU A 235 -7.83 -17.65 0.04
N SER A 236 -7.04 -18.69 -0.25
CA SER A 236 -6.16 -19.32 0.74
C SER A 236 -5.10 -18.34 1.23
N LEU A 237 -4.39 -17.74 0.27
CA LEU A 237 -3.35 -16.74 0.54
C LEU A 237 -3.88 -15.59 1.41
N MET A 238 -5.02 -15.04 1.01
CA MET A 238 -5.70 -13.97 1.74
C MET A 238 -6.01 -14.35 3.19
N THR A 239 -6.72 -15.46 3.39
CA THR A 239 -7.18 -15.86 4.73
C THR A 239 -6.05 -16.35 5.65
N ARG A 240 -4.95 -16.81 5.05
CA ARG A 240 -3.73 -17.14 5.79
C ARG A 240 -3.03 -15.89 6.30
N CYS A 241 -2.89 -14.89 5.42
CA CYS A 241 -2.33 -13.59 5.75
C CYS A 241 -2.98 -12.92 6.94
N TRP A 242 -4.24 -13.24 7.21
CA TRP A 242 -4.92 -12.59 8.30
C TRP A 242 -5.34 -13.48 9.49
N SER A 243 -4.51 -14.49 9.74
CA SER A 243 -4.65 -15.36 10.92
C SER A 243 -4.33 -14.61 12.22
N LYS A 244 -5.02 -14.99 13.30
CA LYS A 244 -4.75 -14.47 14.65
C LYS A 244 -3.31 -14.78 15.07
N ASP A 245 -2.91 -16.05 14.95
CA ASP A 245 -1.56 -16.49 15.24
C ASP A 245 -0.60 -15.94 14.18
N PRO A 246 0.38 -15.10 14.58
CA PRO A 246 1.33 -14.51 13.64
C PRO A 246 2.20 -15.53 12.93
N SER A 247 2.48 -16.66 13.59
CA SER A 247 3.32 -17.73 13.03
C SER A 247 2.65 -18.50 11.88
N GLN A 248 1.32 -18.47 11.82
CA GLN A 248 0.58 -19.16 10.76
C GLN A 248 0.44 -18.35 9.46
N ARG A 249 0.83 -17.08 9.51
CA ARG A 249 0.88 -16.23 8.33
C ARG A 249 2.11 -16.56 7.50
N PRO A 250 1.99 -16.50 6.14
CA PRO A 250 3.16 -16.74 5.28
C PRO A 250 4.22 -15.65 5.39
N SER A 251 5.46 -16.00 5.04
CA SER A 251 6.50 -15.00 4.88
C SER A 251 6.24 -14.19 3.61
N MET A 252 6.72 -12.96 3.58
CA MET A 252 6.59 -12.08 2.42
C MET A 252 7.37 -12.64 1.21
N GLU A 253 8.46 -13.36 1.49
CA GLU A 253 9.24 -14.08 0.48
C GLU A 253 8.39 -15.13 -0.23
N GLU A 254 7.54 -15.81 0.53
CA GLU A 254 6.60 -16.80 -0.01
C GLU A 254 5.48 -16.14 -0.84
N ILE A 255 4.99 -15.00 -0.36
CA ILE A 255 3.94 -14.22 -1.05
C ILE A 255 4.42 -13.73 -2.43
N VAL A 256 5.63 -13.17 -2.49
CA VAL A 256 6.24 -12.75 -3.76
C VAL A 256 6.33 -13.90 -4.75
N LYS A 257 6.74 -15.08 -4.30
CA LYS A 257 6.81 -16.26 -5.18
C LYS A 257 5.45 -16.73 -5.69
N ILE A 258 4.48 -16.89 -4.77
CA ILE A 258 3.12 -17.28 -5.14
C ILE A 258 2.50 -16.27 -6.13
N MET A 259 2.59 -14.98 -5.81
CA MET A 259 2.00 -13.93 -6.63
C MET A 259 2.64 -13.84 -8.02
N THR A 260 3.97 -14.01 -8.10
CA THR A 260 4.69 -14.07 -9.39
C THR A 260 4.12 -15.18 -10.30
N HIS A 261 3.86 -16.34 -9.71
CA HIS A 261 3.34 -17.48 -10.44
C HIS A 261 1.89 -17.35 -10.88
N LEU A 262 1.08 -16.68 -10.07
CA LEU A 262 -0.31 -16.39 -10.44
C LEU A 262 -0.45 -15.36 -11.56
N MET A 263 0.57 -14.51 -11.75
CA MET A 263 0.55 -13.46 -12.79
C MET A 263 0.46 -13.99 -14.23
N ARG A 264 0.78 -15.28 -14.40
CA ARG A 264 0.57 -16.01 -15.65
C ARG A 264 -0.89 -15.98 -16.09
N TYR A 265 -1.79 -16.03 -15.11
CA TYR A 265 -3.22 -16.02 -15.38
C TYR A 265 -3.82 -14.61 -15.21
N PHE A 266 -2.94 -13.61 -15.09
CA PHE A 266 -3.35 -12.21 -15.05
C PHE A 266 -2.55 -11.35 -16.05
N PRO A 267 -2.85 -11.49 -17.36
CA PRO A 267 -2.14 -10.67 -18.34
C PRO A 267 -2.72 -9.26 -18.50
N GLY A 268 -1.96 -8.38 -19.13
CA GLY A 268 -2.40 -7.01 -19.42
C GLY A 268 -2.25 -6.04 -18.26
N ALA A 269 -1.41 -6.43 -17.31
CA ALA A 269 -1.17 -5.66 -16.08
C ALA A 269 -0.38 -4.36 -16.32
N ASP A 270 0.25 -4.25 -17.48
CA ASP A 270 1.05 -3.08 -17.86
C ASP A 270 0.28 -2.01 -18.67
N GLU A 271 -1.03 -2.21 -18.81
CA GLU A 271 -1.89 -1.25 -19.48
C GLU A 271 -2.28 -0.09 -18.57
N PRO A 272 -1.91 1.17 -18.92
CA PRO A 272 -2.17 2.34 -18.08
C PRO A 272 -3.65 2.57 -17.79
N LEU A 273 -3.96 3.09 -16.60
CA LEU A 273 -5.34 3.44 -16.23
C LEU A 273 -5.79 4.62 -17.07
N GLN A 274 -6.87 4.44 -17.83
CA GLN A 274 -7.32 5.46 -18.79
C GLN A 274 -8.84 5.51 -18.99
N TYR A 275 -9.50 4.38 -18.77
CA TYR A 275 -10.94 4.30 -18.97
C TYR A 275 -11.63 4.68 -17.67
N PRO A 276 -12.68 5.53 -17.76
CA PRO A 276 -13.38 5.94 -16.54
C PRO A 276 -14.34 4.85 -16.04
N CYS A 277 -14.86 5.05 -14.83
CA CYS A 277 -15.72 4.07 -14.17
C CYS A 277 -16.72 4.81 -13.31
N GLN A 278 -17.99 4.44 -13.47
CA GLN A 278 -19.06 4.99 -12.63
C GLN A 278 -19.44 3.88 -11.66
N HIS A 279 -18.92 3.99 -10.44
CA HIS A 279 -18.93 2.88 -9.49
C HIS A 279 -20.04 3.01 -8.44
N SER A 280 -20.94 2.02 -8.46
CA SER A 280 -21.99 1.87 -7.45
C SER A 280 -21.82 0.53 -6.74
N LEU A 281 -22.05 0.54 -5.43
CA LEU A 281 -21.78 -0.63 -4.58
C LEU A 281 -23.01 -1.50 -4.29
N PRO A 282 -22.85 -2.85 -4.41
CA PRO A 282 -23.86 -3.83 -3.96
C PRO A 282 -24.21 -3.72 -2.46
N PRO A 283 -25.28 -4.42 -1.98
CA PRO A 283 -25.65 -4.45 -0.55
C PRO A 283 -24.49 -4.72 0.43
N GLY A 284 -24.52 -4.03 1.57
CA GLY A 284 -23.40 -3.95 2.53
C GLY A 284 -22.89 -5.23 3.16
N GLU A 285 -23.79 -5.99 3.80
CA GLU A 285 -23.42 -7.23 4.48
C GLU A 285 -24.41 -8.37 4.18
N ASP A 286 -23.97 -9.30 3.36
CA ASP A 286 -24.76 -10.48 2.94
C ASP A 286 -24.11 -11.77 3.46
N GLY A 287 -22.95 -11.63 4.10
CA GLY A 287 -22.05 -12.74 4.39
C GLY A 287 -20.88 -12.71 3.41
N ARG A 288 -21.21 -12.65 2.12
CA ARG A 288 -20.23 -12.56 1.04
C ARG A 288 -20.44 -11.32 0.18
N VAL A 289 -19.37 -10.85 -0.45
CA VAL A 289 -19.42 -9.68 -1.35
C VAL A 289 -19.02 -10.02 -2.78
N GLU A 290 -19.54 -9.22 -3.73
CA GLU A 290 -19.12 -9.28 -5.13
C GLU A 290 -17.76 -8.63 -5.30
N PRO A 291 -16.87 -9.26 -6.11
CA PRO A 291 -15.62 -8.56 -6.42
C PRO A 291 -15.89 -7.44 -7.43
N TYR A 292 -15.11 -6.37 -7.35
CA TYR A 292 -15.13 -5.34 -8.39
C TYR A 292 -14.55 -5.92 -9.68
N VAL A 293 -13.49 -6.70 -9.55
CA VAL A 293 -12.77 -7.28 -10.70
C VAL A 293 -13.43 -8.58 -11.17
N ASP A 294 -13.14 -8.96 -12.42
CA ASP A 294 -13.71 -10.18 -13.04
C ASP A 294 -12.68 -11.31 -13.08
N PHE A 295 -13.08 -12.47 -12.60
CA PHE A 295 -12.19 -13.65 -12.58
C PHE A 295 -12.47 -14.67 -13.70
N ALA A 296 -13.35 -14.30 -14.63
CA ALA A 296 -13.67 -15.10 -15.81
C ALA A 296 -12.42 -15.52 -16.59
N GLU A 297 -11.59 -14.54 -16.97
CA GLU A 297 -10.39 -14.80 -17.77
C GLU A 297 -9.36 -15.64 -17.01
N PHE A 298 -9.26 -15.43 -15.69
CA PHE A 298 -8.39 -16.24 -14.83
C PHE A 298 -8.76 -17.71 -14.98
N TYR A 299 -10.02 -18.03 -14.74
CA TYR A 299 -10.52 -19.41 -14.78
C TYR A 299 -10.32 -20.05 -16.15
N ARG A 300 -10.53 -19.26 -17.21
CA ARG A 300 -10.30 -19.68 -18.58
C ARG A 300 -8.85 -20.13 -18.81
N LEU A 301 -7.90 -19.24 -18.51
CA LEU A 301 -6.47 -19.52 -18.71
C LEU A 301 -5.93 -20.61 -17.79
N TRP A 302 -6.53 -20.74 -16.61
CA TRP A 302 -6.19 -21.78 -15.66
C TRP A 302 -6.52 -23.16 -16.22
N SER A 303 -7.77 -23.37 -16.61
CA SER A 303 -8.23 -24.65 -17.16
C SER A 303 -7.52 -25.06 -18.47
N VAL A 304 -7.02 -24.08 -19.22
CA VAL A 304 -6.14 -24.33 -20.38
C VAL A 304 -4.83 -25.01 -19.93
N ASP A 305 -4.27 -24.56 -18.80
CA ASP A 305 -3.07 -25.17 -18.22
C ASP A 305 -3.36 -26.47 -17.47
N HIS A 306 -4.41 -26.46 -16.65
CA HIS A 306 -4.71 -27.55 -15.72
C HIS A 306 -5.85 -28.43 -16.21
C1 6KD B . -5.22 13.83 -3.73
C2 6KD B . -5.66 15.21 -3.10
C4 6KD B . -6.45 16.34 -1.08
C5 6KD B . -4.93 14.47 -0.92
C6 6KD B . -4.55 13.08 -1.48
N3 6KD B . -6.04 15.06 -1.67
C8 6KD B . -3.43 12.14 -3.46
C10 6KD B . -2.07 12.47 -4.03
C11 6KD B . -0.84 12.09 -3.43
C13 6KD B . -1.20 11.96 -0.96
C14 6KD B . -0.36 13.16 -0.60
C15 6KD B . -1.12 10.83 0.02
O34 6KD B . 5.90 10.20 1.28
C33 6KD B . 4.89 10.50 0.63
C27 6KD B . 4.89 10.88 -0.76
S26 6KD B . 6.25 10.99 -1.81
C25 6KD B . 5.27 11.47 -3.13
N31 6KD B . 3.63 10.50 1.21
C30 6KD B . 2.49 10.83 0.53
N29 6KD B . 2.43 11.18 -0.74
C28 6KD B . 3.71 11.20 -1.42
C24 6KD B . 3.94 11.55 -2.79
C22 6KD B . 2.89 11.96 -3.83
O23 6KD B . 3.24 12.24 -4.98
N20 6KD B . 1.59 11.99 -3.39
C19 6KD B . 0.39 12.40 -4.05
O12 6KD B . -0.80 11.38 -2.24
C18 6KD B . 0.39 13.10 -5.26
C17 6KD B . -0.82 13.46 -5.85
C16 6KD B . -2.03 13.14 -5.25
O9 6KD B . -3.82 10.99 -3.49
N7 6KD B . -4.18 13.15 -2.91
#